data_4UGP
#
_entry.id   4UGP
#
_cell.length_a   80.530
_cell.length_b   94.650
_cell.length_c   63.000
_cell.angle_alpha   90.00
_cell.angle_beta   90.00
_cell.angle_gamma   90.00
#
_symmetry.space_group_name_H-M   'P 21 21 2'
#
loop_
_entity.id
_entity.type
_entity.pdbx_description
1 polymer 'NITRIC OXIDE SYNTHASE OXYGENASE'
2 non-polymer 'PROTOPORPHYRIN IX CONTAINING FE'
3 non-polymer 5,6,7,8-TETRAHYDROBIOPTERIN
4 non-polymer 'CHLORIDE ION'
5 non-polymer "N',N'-{[(2R)-3-aminopropane-1,2-diyl]bis(oxymethanediylbenzene-3,1-diyl)}dithiophene-2-carboximidamide"
6 non-polymer GLYCEROL
7 water water
#
_entity_poly.entity_id   1
_entity_poly.type   'polypeptide(L)'
_entity_poly.pdbx_seq_one_letter_code
;MEEKEILWNEAKAFIAACYQELGKAAEVKDRLADIKSEIDLTGSYVHTKEELEHGAKMAWRNSNRCIGRLFWNSLNVIDR
RDVRTKEEVRDALFHHIETATNNGKIRPTITIFPPEEKGEKQVEIWNHQLIRYAGYESDGERIGDPASCSLTAACEELGW
RGERTDFDLLPLIFRMKGDEQPVWYELPRSLVIEVPITHPDIEAFSDLELKWYGVPIISDMKLEVGGIHYNAAPFNGWYM
GTEIGARNLADEKRYDKLKKVASVIGIAADYNTDLWKDQALVELNKAVLHSYKKQGVSIVDHHTAASQFKRFEEQAEEAG
RKLTGDWTWLIPPISPAATHIFHRSYDNSIVKPNYFYQDKPYE
;
_entity_poly.pdbx_strand_id   A
#
loop_
_chem_comp.id
_chem_comp.type
_chem_comp.name
_chem_comp.formula
CL non-polymer 'CHLORIDE ION' 'Cl -1'
GOL non-polymer GLYCEROL 'C3 H8 O3'
H4B non-polymer 5,6,7,8-TETRAHYDROBIOPTERIN 'C9 H15 N5 O3'
HEM non-polymer 'PROTOPORPHYRIN IX CONTAINING FE' 'C34 H32 Fe N4 O4'
I5U non-polymer N',N'-{[(2R)-3-aminopropane-1,2-diyl]bis(oxymethanediylbenzene-3,1-diyl)}dithiophene-2-carboximidamide 'C27 H29 N5 O2 S2'
#
# COMPACT_ATOMS: atom_id res chain seq x y z
N GLU A 2 11.13 -23.11 -20.43
CA GLU A 2 10.76 -23.01 -19.02
C GLU A 2 9.86 -21.80 -18.76
N GLU A 3 10.19 -20.69 -19.41
CA GLU A 3 9.41 -19.45 -19.32
C GLU A 3 7.92 -19.72 -19.50
N LYS A 4 7.57 -20.11 -20.71
CA LYS A 4 6.18 -20.40 -21.09
C LYS A 4 5.56 -21.52 -20.25
N GLU A 5 6.40 -22.46 -19.80
CA GLU A 5 5.90 -23.56 -18.98
C GLU A 5 5.40 -23.06 -17.61
N ILE A 6 6.20 -22.23 -16.96
CA ILE A 6 5.77 -21.59 -15.71
C ILE A 6 4.46 -20.85 -15.97
N LEU A 7 4.41 -20.11 -17.07
CA LEU A 7 3.24 -19.31 -17.44
C LEU A 7 1.99 -20.18 -17.57
N TRP A 8 2.12 -21.28 -18.31
CA TRP A 8 0.99 -22.17 -18.57
C TRP A 8 0.50 -22.88 -17.31
N ASN A 9 1.42 -23.26 -16.45
CA ASN A 9 1.06 -23.93 -15.19
C ASN A 9 0.36 -22.97 -14.24
N GLU A 10 0.86 -21.74 -14.17
CA GLU A 10 0.26 -20.72 -13.31
C GLU A 10 -1.10 -20.31 -13.86
N ALA A 11 -1.19 -20.22 -15.19
CA ALA A 11 -2.44 -19.86 -15.85
C ALA A 11 -3.54 -20.89 -15.55
N LYS A 12 -3.18 -22.16 -15.70
CA LYS A 12 -4.10 -23.27 -15.40
C LYS A 12 -4.66 -23.21 -13.98
N ALA A 13 -3.78 -23.02 -12.99
CA ALA A 13 -4.20 -22.99 -11.60
C ALA A 13 -5.11 -21.80 -11.32
N PHE A 14 -4.76 -20.64 -11.87
CA PHE A 14 -5.52 -19.43 -11.63
C PHE A 14 -6.93 -19.48 -12.25
N ILE A 15 -7.01 -19.82 -13.53
CA ILE A 15 -8.30 -19.86 -14.22
C ILE A 15 -9.28 -20.82 -13.54
N ALA A 16 -8.82 -22.04 -13.27
CA ALA A 16 -9.64 -23.04 -12.59
C ALA A 16 -10.19 -22.51 -11.26
N ALA A 17 -9.31 -21.95 -10.44
CA ALA A 17 -9.70 -21.39 -9.14
C ALA A 17 -10.62 -20.16 -9.31
N CYS A 18 -10.21 -19.24 -10.16
CA CYS A 18 -10.99 -18.02 -10.41
C CYS A 18 -12.40 -18.34 -10.92
N TYR A 19 -12.47 -19.19 -11.94
CA TYR A 19 -13.77 -19.56 -12.52
C TYR A 19 -14.65 -20.39 -11.56
N GLN A 20 -14.01 -21.14 -10.67
CA GLN A 20 -14.73 -21.86 -9.61
C GLN A 20 -15.46 -20.85 -8.74
N GLU A 21 -14.71 -19.87 -8.26
CA GLU A 21 -15.22 -18.86 -7.37
C GLU A 21 -16.30 -18.02 -8.04
N LEU A 22 -16.20 -17.86 -9.36
CA LEU A 22 -17.15 -17.04 -10.12
C LEU A 22 -18.32 -17.87 -10.64
N GLY A 23 -18.36 -19.15 -10.29
CA GLY A 23 -19.40 -20.05 -10.79
C GLY A 23 -19.35 -20.21 -12.30
N LYS A 24 -18.16 -20.07 -12.87
CA LYS A 24 -17.94 -20.24 -14.30
C LYS A 24 -17.21 -21.54 -14.59
N ALA A 25 -17.34 -22.50 -13.67
CA ALA A 25 -16.58 -23.75 -13.73
C ALA A 25 -16.63 -24.48 -15.08
N ALA A 26 -17.76 -24.41 -15.77
CA ALA A 26 -17.92 -25.12 -17.03
C ALA A 26 -17.10 -24.49 -18.17
N GLU A 27 -16.74 -23.23 -18.01
CA GLU A 27 -16.06 -22.47 -19.06
C GLU A 27 -14.54 -22.62 -19.01
N VAL A 28 -14.05 -23.28 -17.96
CA VAL A 28 -12.62 -23.46 -17.75
C VAL A 28 -11.93 -24.15 -18.94
N LYS A 29 -12.49 -25.24 -19.41
CA LYS A 29 -11.88 -26.04 -20.47
C LYS A 29 -11.59 -25.24 -21.74
N ASP A 30 -12.61 -24.54 -22.23
CA ASP A 30 -12.51 -23.77 -23.47
C ASP A 30 -11.60 -22.55 -23.32
N ARG A 31 -11.65 -21.92 -22.16
CA ARG A 31 -10.79 -20.76 -21.88
C ARG A 31 -9.33 -21.17 -21.82
N LEU A 32 -9.04 -22.29 -21.15
CA LEU A 32 -7.67 -22.78 -21.05
C LEU A 32 -7.09 -23.18 -22.41
N ALA A 33 -7.96 -23.68 -23.29
CA ALA A 33 -7.54 -24.02 -24.65
C ALA A 33 -7.09 -22.77 -25.39
N ASP A 34 -7.94 -21.74 -25.38
CA ASP A 34 -7.62 -20.45 -25.99
C ASP A 34 -6.29 -19.91 -25.49
N ILE A 35 -6.13 -19.93 -24.16
CA ILE A 35 -4.91 -19.46 -23.51
C ILE A 35 -3.69 -20.24 -24.01
N LYS A 36 -3.85 -21.55 -24.13
CA LYS A 36 -2.76 -22.42 -24.58
C LYS A 36 -2.27 -22.00 -25.97
N SER A 37 -3.22 -21.71 -26.86
CA SER A 37 -2.92 -21.21 -28.19
C SER A 37 -2.18 -19.87 -28.10
N GLU A 38 -2.76 -18.97 -27.31
CA GLU A 38 -2.25 -17.61 -27.18
C GLU A 38 -0.80 -17.62 -26.68
N ILE A 39 -0.52 -18.46 -25.69
CA ILE A 39 0.84 -18.62 -25.18
C ILE A 39 1.75 -19.23 -26.25
N ASP A 40 1.30 -20.32 -26.87
CA ASP A 40 2.02 -20.96 -27.97
C ASP A 40 2.45 -19.94 -29.03
N LEU A 41 1.51 -19.11 -29.44
CA LEU A 41 1.73 -18.20 -30.56
C LEU A 41 2.39 -16.87 -30.19
N THR A 42 2.01 -16.32 -29.04
CA THR A 42 2.48 -14.98 -28.65
C THR A 42 3.44 -14.97 -27.46
N GLY A 43 3.54 -16.09 -26.75
CA GLY A 43 4.43 -16.16 -25.61
C GLY A 43 3.79 -15.69 -24.32
N SER A 44 2.53 -15.28 -24.42
CA SER A 44 1.78 -14.80 -23.26
C SER A 44 0.29 -14.87 -23.52
N TYR A 45 -0.52 -14.41 -22.56
CA TYR A 45 -1.97 -14.34 -22.76
C TYR A 45 -2.55 -13.10 -22.08
N VAL A 46 -3.74 -12.70 -22.50
CA VAL A 46 -4.38 -11.50 -21.98
C VAL A 46 -5.60 -11.86 -21.14
N HIS A 47 -5.67 -11.30 -19.93
CA HIS A 47 -6.79 -11.53 -19.02
C HIS A 47 -8.05 -10.83 -19.48
N THR A 48 -9.20 -11.47 -19.26
CA THR A 48 -10.50 -10.82 -19.41
C THR A 48 -10.62 -9.82 -18.27
N LYS A 49 -11.53 -8.87 -18.39
CA LYS A 49 -11.72 -7.88 -17.33
C LYS A 49 -12.18 -8.55 -16.03
N GLU A 50 -12.97 -9.61 -16.17
CA GLU A 50 -13.42 -10.39 -15.03
C GLU A 50 -12.26 -11.08 -14.32
N GLU A 51 -11.42 -11.75 -15.10
CA GLU A 51 -10.22 -12.41 -14.56
C GLU A 51 -9.31 -11.41 -13.84
N LEU A 52 -9.02 -10.28 -14.48
CA LEU A 52 -8.14 -9.29 -13.90
C LEU A 52 -8.71 -8.74 -12.60
N GLU A 53 -9.98 -8.39 -12.60
CA GLU A 53 -10.63 -7.85 -11.41
C GLU A 53 -10.60 -8.85 -10.25
N HIS A 54 -11.08 -10.06 -10.50
CA HIS A 54 -11.09 -11.08 -9.46
C HIS A 54 -9.67 -11.47 -9.03
N GLY A 55 -8.73 -11.48 -9.97
CA GLY A 55 -7.34 -11.76 -9.68
C GLY A 55 -6.75 -10.80 -8.66
N ALA A 56 -7.01 -9.52 -8.86
CA ALA A 56 -6.52 -8.49 -7.93
C ALA A 56 -7.14 -8.64 -6.55
N LYS A 57 -8.42 -9.01 -6.52
CA LYS A 57 -9.10 -9.26 -5.26
C LYS A 57 -8.52 -10.49 -4.55
N MET A 58 -8.32 -11.58 -5.30
CA MET A 58 -7.68 -12.78 -4.74
C MET A 58 -6.29 -12.46 -4.21
N ALA A 59 -5.55 -11.64 -4.96
CA ALA A 59 -4.21 -11.24 -4.53
C ALA A 59 -4.25 -10.53 -3.18
N TRP A 60 -5.24 -9.65 -2.98
CA TRP A 60 -5.38 -8.97 -1.70
C TRP A 60 -5.72 -10.00 -0.61
N ARG A 61 -6.69 -10.87 -0.92
CA ARG A 61 -7.12 -11.90 0.02
C ARG A 61 -5.97 -12.79 0.46
N ASN A 62 -4.95 -12.90 -0.39
CA ASN A 62 -3.82 -13.79 -0.13
C ASN A 62 -2.63 -13.07 0.52
N SER A 63 -2.77 -11.77 0.77
CA SER A 63 -1.66 -11.00 1.35
C SER A 63 -1.51 -11.28 2.84
N ASN A 64 -0.59 -12.19 3.17
CA ASN A 64 -0.41 -12.66 4.54
C ASN A 64 -0.19 -11.57 5.60
N ARG A 65 0.35 -10.44 5.18
CA ARG A 65 0.71 -9.41 6.15
C ARG A 65 -0.39 -8.40 6.43
N CYS A 66 -1.51 -8.53 5.72
CA CYS A 66 -2.57 -7.54 5.75
C CYS A 66 -3.72 -7.87 6.70
N ILE A 67 -3.94 -6.99 7.68
CA ILE A 67 -5.01 -7.14 8.67
C ILE A 67 -6.34 -6.66 8.10
N GLY A 68 -6.30 -5.97 6.96
CA GLY A 68 -7.52 -5.39 6.41
C GLY A 68 -8.29 -6.25 5.42
N ARG A 69 -7.97 -7.54 5.36
CA ARG A 69 -8.47 -8.37 4.26
C ARG A 69 -9.96 -8.71 4.26
N LEU A 70 -10.67 -8.40 5.34
CA LEU A 70 -12.12 -8.68 5.40
C LEU A 70 -12.81 -8.13 4.15
N PHE A 71 -12.29 -7.01 3.66
CA PHE A 71 -12.97 -6.26 2.60
C PHE A 71 -12.44 -6.51 1.17
N TRP A 72 -11.70 -7.63 1.02
CA TRP A 72 -11.07 -7.98 -0.25
C TRP A 72 -12.01 -7.95 -1.47
N ASN A 73 -13.27 -8.33 -1.26
CA ASN A 73 -14.19 -8.47 -2.37
C ASN A 73 -14.82 -7.15 -2.84
N SER A 74 -14.55 -6.07 -2.10
CA SER A 74 -15.09 -4.78 -2.53
C SER A 74 -14.02 -3.87 -3.12
N LEU A 75 -12.84 -4.44 -3.38
CA LEU A 75 -11.77 -3.69 -4.05
C LEU A 75 -12.26 -3.10 -5.38
N ASN A 76 -11.95 -1.83 -5.62
CA ASN A 76 -12.31 -1.17 -6.86
C ASN A 76 -11.18 -1.28 -7.87
N VAL A 77 -11.36 -2.10 -8.90
CA VAL A 77 -10.31 -2.35 -9.88
C VAL A 77 -10.46 -1.45 -11.11
N ILE A 78 -9.44 -0.64 -11.39
CA ILE A 78 -9.43 0.20 -12.57
C ILE A 78 -8.45 -0.36 -13.61
N ASP A 79 -8.97 -0.76 -14.76
CA ASP A 79 -8.17 -1.41 -15.80
C ASP A 79 -7.56 -0.37 -16.73
N ARG A 80 -6.27 -0.10 -16.55
CA ARG A 80 -5.57 0.83 -17.44
C ARG A 80 -4.49 0.16 -18.30
N ARG A 81 -4.79 -1.05 -18.77
CA ARG A 81 -3.86 -1.78 -19.64
C ARG A 81 -3.79 -1.13 -21.02
N ASP A 82 -4.66 -0.15 -21.25
CA ASP A 82 -4.71 0.57 -22.52
C ASP A 82 -3.72 1.73 -22.62
N VAL A 83 -3.01 2.06 -21.53
CA VAL A 83 -2.12 3.23 -21.56
C VAL A 83 -0.86 3.00 -22.40
N ARG A 84 -0.44 4.04 -23.11
CA ARG A 84 0.73 3.94 -23.98
C ARG A 84 1.68 5.13 -23.82
N THR A 85 1.18 6.23 -23.27
CA THR A 85 1.97 7.46 -23.14
C THR A 85 2.15 7.88 -21.69
N LYS A 86 3.15 8.72 -21.42
CA LYS A 86 3.42 9.14 -20.05
C LYS A 86 2.36 10.11 -19.57
N GLU A 87 1.78 10.90 -20.48
CA GLU A 87 0.66 11.74 -20.10
C GLU A 87 -0.52 10.89 -19.61
N GLU A 88 -0.79 9.78 -20.31
CA GLU A 88 -1.87 8.86 -19.90
C GLU A 88 -1.59 8.21 -18.55
N VAL A 89 -0.33 7.82 -18.31
CA VAL A 89 0.05 7.23 -17.02
C VAL A 89 -0.12 8.25 -15.91
N ARG A 90 0.36 9.46 -16.14
CA ARG A 90 0.23 10.52 -15.13
C ARG A 90 -1.23 10.80 -14.80
N ASP A 91 -2.05 10.94 -15.83
CA ASP A 91 -3.46 11.25 -15.61
C ASP A 91 -4.18 10.10 -14.92
N ALA A 92 -3.76 8.86 -15.20
CA ALA A 92 -4.31 7.70 -14.51
C ALA A 92 -3.94 7.69 -13.02
N LEU A 93 -2.73 8.16 -12.71
CA LEU A 93 -2.29 8.20 -11.32
C LEU A 93 -2.99 9.35 -10.58
N PHE A 94 -3.12 10.49 -11.25
CA PHE A 94 -3.90 11.60 -10.70
C PHE A 94 -5.33 11.15 -10.43
N HIS A 95 -5.92 10.41 -11.38
CA HIS A 95 -7.29 9.95 -11.22
C HIS A 95 -7.41 8.95 -10.07
N HIS A 96 -6.44 8.04 -9.96
CA HIS A 96 -6.47 7.08 -8.86
C HIS A 96 -6.52 7.84 -7.54
N ILE A 97 -5.64 8.81 -7.35
CA ILE A 97 -5.63 9.62 -6.14
C ILE A 97 -7.01 10.25 -5.88
N GLU A 98 -7.59 10.85 -6.91
CA GLU A 98 -8.85 11.56 -6.71
C GLU A 98 -9.97 10.60 -6.32
N THR A 99 -10.10 9.49 -7.04
CA THR A 99 -11.25 8.61 -6.85
C THR A 99 -11.08 7.75 -5.60
N ALA A 100 -9.83 7.42 -5.26
CA ALA A 100 -9.55 6.67 -4.03
C ALA A 100 -9.82 7.56 -2.82
N THR A 101 -9.43 8.84 -2.92
CA THR A 101 -9.61 9.77 -1.81
C THR A 101 -11.08 10.01 -1.54
N ASN A 102 -11.84 10.23 -2.61
CA ASN A 102 -13.29 10.34 -2.51
C ASN A 102 -13.73 11.33 -1.42
N ASN A 103 -13.10 12.50 -1.38
CA ASN A 103 -13.40 13.55 -0.40
C ASN A 103 -13.24 13.13 1.05
N GLY A 104 -12.43 12.09 1.28
CA GLY A 104 -12.16 11.64 2.64
C GLY A 104 -12.74 10.26 2.90
N LYS A 105 -13.83 9.92 2.21
CA LYS A 105 -14.43 8.59 2.41
C LYS A 105 -13.73 7.57 1.52
N ILE A 106 -12.55 7.15 1.97
CA ILE A 106 -11.60 6.41 1.14
C ILE A 106 -12.18 5.12 0.53
N ARG A 107 -11.95 4.96 -0.77
CA ARG A 107 -12.38 3.77 -1.51
C ARG A 107 -11.15 2.95 -1.82
N PRO A 108 -11.12 1.69 -1.33
CA PRO A 108 -9.98 0.83 -1.66
C PRO A 108 -9.98 0.60 -3.16
N THR A 109 -8.86 0.95 -3.82
CA THR A 109 -8.80 1.00 -5.27
C THR A 109 -7.43 0.47 -5.75
N ILE A 110 -7.41 -0.13 -6.94
CA ILE A 110 -6.15 -0.46 -7.59
C ILE A 110 -6.25 -0.08 -9.06
N THR A 111 -5.20 0.53 -9.59
CA THR A 111 -5.16 0.85 -11.01
C THR A 111 -4.12 -0.07 -11.62
N ILE A 112 -4.52 -0.81 -12.64
CA ILE A 112 -3.62 -1.83 -13.22
C ILE A 112 -3.11 -1.43 -14.60
N PHE A 113 -1.79 -1.25 -14.72
CA PHE A 113 -1.16 -0.83 -15.98
C PHE A 113 -0.71 -2.05 -16.80
N PRO A 114 -0.31 -1.85 -18.09
CA PRO A 114 0.16 -3.00 -18.87
C PRO A 114 1.20 -3.83 -18.11
N PRO A 115 1.16 -5.16 -18.27
CA PRO A 115 2.09 -6.01 -17.51
C PRO A 115 3.42 -6.14 -18.22
N GLU A 116 4.40 -6.74 -17.54
CA GLU A 116 5.68 -7.05 -18.16
C GLU A 116 5.50 -7.96 -19.37
N GLU A 117 6.41 -7.87 -20.33
CA GLU A 117 6.40 -8.77 -21.48
C GLU A 117 7.46 -9.87 -21.35
N LYS A 118 8.66 -9.60 -21.84
CA LYS A 118 9.76 -10.55 -21.66
C LYS A 118 10.44 -10.28 -20.33
N GLY A 119 9.65 -10.02 -19.29
CA GLY A 119 10.18 -9.46 -18.07
C GLY A 119 10.53 -8.00 -18.32
N GLU A 120 10.13 -7.50 -19.49
CA GLU A 120 10.35 -6.12 -19.86
C GLU A 120 9.17 -5.26 -19.41
N LYS A 121 9.45 -4.30 -18.54
CA LYS A 121 8.43 -3.41 -18.02
C LYS A 121 7.93 -2.43 -19.08
N GLN A 122 6.63 -2.18 -19.09
CA GLN A 122 6.04 -1.20 -20.01
C GLN A 122 6.04 0.15 -19.31
N VAL A 123 5.71 0.12 -18.02
CA VAL A 123 5.68 1.30 -17.18
C VAL A 123 6.39 0.93 -15.89
N GLU A 124 7.35 1.77 -15.47
CA GLU A 124 8.13 1.50 -14.28
C GLU A 124 7.96 2.64 -13.26
N ILE A 125 7.22 2.38 -12.18
CA ILE A 125 6.95 3.42 -11.19
C ILE A 125 8.05 3.45 -10.15
N TRP A 126 8.61 4.64 -9.88
CA TRP A 126 9.69 4.78 -8.88
C TRP A 126 9.20 5.05 -7.46
N ASN A 127 8.04 5.72 -7.32
CA ASN A 127 7.50 6.03 -6.00
C ASN A 127 7.22 4.78 -5.18
N HIS A 128 7.45 4.88 -3.86
CA HIS A 128 7.04 3.83 -2.94
C HIS A 128 5.53 3.94 -2.72
N GLN A 129 5.07 5.16 -2.45
CA GLN A 129 3.64 5.46 -2.43
C GLN A 129 3.41 6.67 -3.31
N LEU A 130 2.21 6.77 -3.90
CA LEU A 130 1.93 7.87 -4.81
C LEU A 130 2.03 9.20 -4.07
N ILE A 131 1.60 9.20 -2.81
CA ILE A 131 1.72 10.37 -1.95
C ILE A 131 2.66 10.05 -0.79
N ARG A 132 3.77 10.77 -0.70
CA ARG A 132 4.77 10.52 0.35
C ARG A 132 5.64 11.75 0.53
N TYR A 133 6.20 11.93 1.73
CA TYR A 133 7.04 13.08 2.01
C TYR A 133 8.51 12.81 1.70
N ALA A 134 9.22 13.85 1.24
CA ALA A 134 10.63 13.76 0.93
C ALA A 134 11.47 13.70 2.20
N GLY A 135 12.73 13.27 2.05
CA GLY A 135 13.65 13.22 3.17
C GLY A 135 15.00 13.71 2.71
N TYR A 136 15.73 14.40 3.60
CA TYR A 136 17.02 14.95 3.27
C TYR A 136 17.96 14.68 4.44
N GLU A 137 19.23 14.46 4.14
CA GLU A 137 20.23 14.24 5.17
C GLU A 137 21.54 14.73 4.64
N SER A 138 22.13 15.71 5.32
CA SER A 138 23.45 16.18 4.95
C SER A 138 24.05 16.97 6.08
N ASP A 139 25.27 16.60 6.47
CA ASP A 139 26.05 17.37 7.42
C ASP A 139 25.30 17.55 8.74
N GLY A 140 24.93 16.43 9.36
CA GLY A 140 24.21 16.44 10.61
C GLY A 140 22.73 16.78 10.49
N GLU A 141 22.36 17.41 9.38
CA GLU A 141 21.02 17.98 9.22
C GLU A 141 20.02 17.01 8.60
N ARG A 142 19.02 16.62 9.39
CA ARG A 142 17.95 15.75 8.91
C ARG A 142 16.62 16.50 8.79
N ILE A 143 16.01 16.39 7.61
CA ILE A 143 14.74 17.05 7.34
C ILE A 143 13.82 16.05 6.68
N GLY A 144 12.55 16.06 7.07
CA GLY A 144 11.56 15.22 6.43
C GLY A 144 11.61 13.76 6.83
N ASP A 145 11.23 12.89 5.91
CA ASP A 145 11.09 11.46 6.16
C ASP A 145 12.33 10.71 5.71
N PRO A 146 13.12 10.19 6.67
CA PRO A 146 14.37 9.53 6.30
C PRO A 146 14.16 8.34 5.35
N ALA A 147 12.99 7.72 5.41
CA ALA A 147 12.70 6.58 4.54
C ALA A 147 12.68 7.00 3.07
N SER A 148 12.52 8.29 2.81
CA SER A 148 12.46 8.82 1.45
C SER A 148 13.77 9.41 0.94
N CYS A 149 14.83 9.31 1.74
CA CYS A 149 16.10 9.93 1.40
C CYS A 149 16.67 9.54 0.04
N SER A 150 16.68 8.25 -0.27
CA SER A 150 17.29 7.81 -1.52
C SER A 150 16.43 8.20 -2.73
N LEU A 151 15.12 8.03 -2.64
CA LEU A 151 14.25 8.48 -3.75
C LEU A 151 14.29 9.99 -3.94
N THR A 152 14.33 10.74 -2.84
CA THR A 152 14.44 12.20 -2.90
C THR A 152 15.72 12.58 -3.61
N ALA A 153 16.82 11.94 -3.24
CA ALA A 153 18.09 12.18 -3.91
C ALA A 153 18.03 11.87 -5.40
N ALA A 154 17.32 10.80 -5.77
CA ALA A 154 17.21 10.44 -7.18
C ALA A 154 16.38 11.48 -7.94
N CYS A 155 15.28 11.94 -7.34
CA CYS A 155 14.48 13.00 -7.95
C CYS A 155 15.29 14.26 -8.17
N GLU A 156 16.08 14.65 -7.19
CA GLU A 156 16.90 15.85 -7.33
C GLU A 156 18.03 15.70 -8.35
N GLU A 157 18.17 14.49 -8.90
CA GLU A 157 19.08 14.26 -10.03
C GLU A 157 18.36 14.52 -11.36
N LEU A 158 17.04 14.57 -11.30
CA LEU A 158 16.21 14.69 -12.50
C LEU A 158 15.68 16.10 -12.74
N GLY A 159 16.25 17.09 -12.05
CA GLY A 159 15.85 18.47 -12.24
C GLY A 159 14.84 18.99 -11.23
N TRP A 160 14.35 18.11 -10.37
CA TRP A 160 13.42 18.52 -9.31
C TRP A 160 14.22 19.06 -8.13
N ARG A 161 13.57 19.91 -7.32
CA ARG A 161 14.18 20.47 -6.12
C ARG A 161 13.10 20.60 -5.05
N GLY A 162 13.36 20.05 -3.87
CA GLY A 162 12.42 20.13 -2.77
C GLY A 162 12.62 21.40 -1.97
N GLU A 163 11.54 21.89 -1.35
CA GLU A 163 11.56 23.08 -0.50
C GLU A 163 12.30 22.85 0.80
N ARG A 164 12.49 21.58 1.14
CA ARG A 164 13.13 21.20 2.39
C ARG A 164 12.37 21.60 3.66
N THR A 165 11.05 21.51 3.59
CA THR A 165 10.23 21.47 4.80
C THR A 165 10.22 20.01 5.24
N ASP A 166 9.61 19.73 6.39
CA ASP A 166 9.55 18.36 6.89
C ASP A 166 8.50 17.55 6.16
N PHE A 167 7.71 18.21 5.31
CA PHE A 167 6.60 17.55 4.64
C PHE A 167 6.49 17.93 3.17
N ASP A 168 7.60 17.89 2.43
CA ASP A 168 7.57 18.10 0.98
C ASP A 168 6.91 16.92 0.28
N LEU A 169 5.89 17.20 -0.55
CA LEU A 169 5.31 16.13 -1.33
C LEU A 169 6.25 15.76 -2.48
N LEU A 170 6.67 14.51 -2.55
CA LEU A 170 7.48 14.05 -3.67
C LEU A 170 6.62 14.13 -4.92
N PRO A 171 7.24 14.34 -6.08
CA PRO A 171 6.48 14.31 -7.33
C PRO A 171 6.26 12.87 -7.73
N LEU A 172 5.29 12.63 -8.60
CA LEU A 172 5.20 11.33 -9.25
C LEU A 172 6.43 11.14 -10.10
N ILE A 173 7.02 9.96 -10.05
CA ILE A 173 8.17 9.69 -10.89
C ILE A 173 8.11 8.27 -11.45
N PHE A 174 8.12 8.17 -12.77
CA PHE A 174 8.02 6.88 -13.44
C PHE A 174 8.73 6.90 -14.77
N ARG A 175 9.10 5.72 -15.25
CA ARG A 175 9.80 5.59 -16.52
C ARG A 175 8.96 4.78 -17.51
N MET A 176 8.94 5.19 -18.77
CA MET A 176 8.26 4.43 -19.83
C MET A 176 9.26 3.51 -20.53
N LYS A 177 8.77 2.35 -20.98
CA LYS A 177 9.57 1.45 -21.80
C LYS A 177 10.17 2.24 -22.95
N GLY A 178 11.48 2.11 -23.16
CA GLY A 178 12.13 2.78 -24.28
C GLY A 178 12.77 4.10 -23.88
N ASP A 179 12.32 4.67 -22.78
CA ASP A 179 12.93 5.89 -22.25
C ASP A 179 14.07 5.53 -21.32
N GLU A 180 15.17 6.29 -21.39
CA GLU A 180 16.30 6.02 -20.52
C GLU A 180 16.10 6.57 -19.11
N GLN A 181 15.43 7.71 -19.00
CA GLN A 181 15.20 8.33 -17.69
C GLN A 181 13.72 8.44 -17.36
N PRO A 182 13.39 8.36 -16.06
CA PRO A 182 12.00 8.58 -15.67
C PRO A 182 11.62 10.04 -15.87
N VAL A 183 10.32 10.34 -15.96
CA VAL A 183 9.84 11.70 -15.91
C VAL A 183 9.26 11.96 -14.52
N TRP A 184 9.17 13.24 -14.13
CA TRP A 184 8.51 13.55 -12.88
C TRP A 184 7.42 14.60 -13.05
N TYR A 185 6.37 14.49 -12.23
CA TYR A 185 5.29 15.46 -12.24
C TYR A 185 4.89 15.81 -10.81
N GLU A 186 4.82 17.11 -10.52
CA GLU A 186 4.38 17.60 -9.22
C GLU A 186 2.89 17.26 -9.01
N LEU A 187 2.54 16.83 -7.80
CA LEU A 187 1.14 16.54 -7.49
C LEU A 187 0.35 17.82 -7.35
N PRO A 188 -0.81 17.91 -8.04
CA PRO A 188 -1.69 19.04 -7.77
C PRO A 188 -2.13 18.99 -6.31
N ARG A 189 -1.92 20.06 -5.55
CA ARG A 189 -2.19 20.03 -4.12
C ARG A 189 -3.68 19.85 -3.83
N SER A 190 -4.54 20.27 -4.75
CA SER A 190 -5.99 20.10 -4.61
C SER A 190 -6.39 18.63 -4.54
N LEU A 191 -5.52 17.73 -5.00
CA LEU A 191 -5.80 16.31 -4.99
C LEU A 191 -5.39 15.64 -3.68
N VAL A 192 -4.54 16.32 -2.92
CA VAL A 192 -3.90 15.69 -1.76
C VAL A 192 -4.50 16.14 -0.43
N ILE A 193 -5.23 15.24 0.23
CA ILE A 193 -5.75 15.58 1.56
C ILE A 193 -4.69 15.26 2.62
N GLU A 194 -4.46 16.23 3.49
CA GLU A 194 -3.56 16.03 4.62
C GLU A 194 -4.35 16.32 5.88
N VAL A 195 -3.91 15.70 6.98
CA VAL A 195 -4.59 15.84 8.25
C VAL A 195 -3.63 16.43 9.29
N PRO A 196 -3.96 17.61 9.84
CA PRO A 196 -3.14 18.16 10.92
C PRO A 196 -3.39 17.34 12.18
N ILE A 197 -2.34 17.05 12.94
CA ILE A 197 -2.50 16.21 14.13
C ILE A 197 -2.76 17.07 15.37
N THR A 198 -3.94 16.93 15.95
CA THR A 198 -4.29 17.61 17.19
C THR A 198 -4.74 16.55 18.17
N HIS A 199 -4.83 16.90 19.45
CA HIS A 199 -5.22 15.92 20.48
C HIS A 199 -6.58 16.36 21.04
N PRO A 200 -7.45 15.38 21.35
CA PRO A 200 -8.80 15.72 21.82
C PRO A 200 -8.83 16.54 23.11
N ASP A 201 -7.82 16.39 23.97
CA ASP A 201 -7.85 17.00 25.30
C ASP A 201 -6.71 17.98 25.54
N ILE A 202 -5.59 17.75 24.85
CA ILE A 202 -4.35 18.49 25.13
C ILE A 202 -4.09 19.52 24.04
N GLU A 203 -4.39 20.77 24.35
CA GLU A 203 -4.35 21.83 23.35
C GLU A 203 -2.95 22.07 22.84
N ALA A 204 -1.96 21.83 23.70
CA ALA A 204 -0.57 22.07 23.34
C ALA A 204 -0.07 21.15 22.23
N PHE A 205 -0.81 20.09 21.95
CA PHE A 205 -0.35 19.08 20.99
C PHE A 205 -0.13 19.69 19.60
N SER A 206 -0.88 20.73 19.26
CA SER A 206 -0.76 21.36 17.94
C SER A 206 0.56 22.13 17.80
N ASP A 207 1.23 22.37 18.92
CA ASP A 207 2.53 23.04 18.90
C ASP A 207 3.58 22.20 18.20
N LEU A 208 3.34 20.89 18.12
CA LEU A 208 4.24 19.99 17.41
C LEU A 208 4.17 20.17 15.89
N GLU A 209 3.06 20.77 15.43
CA GLU A 209 2.84 21.00 14.01
C GLU A 209 3.04 19.74 13.17
N LEU A 210 2.51 18.62 13.67
CA LEU A 210 2.57 17.36 12.96
C LEU A 210 1.40 17.31 11.99
N LYS A 211 1.58 16.61 10.87
CA LYS A 211 0.48 16.26 9.98
C LYS A 211 0.86 14.97 9.25
N TRP A 212 -0.12 14.34 8.61
CA TRP A 212 0.17 13.20 7.73
C TRP A 212 -0.79 13.25 6.56
N TYR A 213 -0.51 12.49 5.50
CA TYR A 213 -1.38 12.50 4.32
C TYR A 213 -2.51 11.49 4.52
N GLY A 214 -3.63 11.70 3.83
CA GLY A 214 -4.81 10.92 4.12
C GLY A 214 -4.80 9.50 3.58
N VAL A 215 -4.20 9.31 2.41
CA VAL A 215 -4.34 8.08 1.65
C VAL A 215 -3.03 7.40 1.29
N PRO A 216 -2.76 6.23 1.88
CA PRO A 216 -1.53 5.50 1.54
C PRO A 216 -1.76 4.69 0.27
N ILE A 217 -1.03 5.01 -0.80
CA ILE A 217 -1.22 4.33 -2.07
C ILE A 217 0.07 3.65 -2.49
N ILE A 218 0.18 2.35 -2.22
CA ILE A 218 1.42 1.60 -2.49
C ILE A 218 1.62 1.38 -3.99
N SER A 219 2.74 1.86 -4.52
CA SER A 219 2.92 1.90 -5.96
C SER A 219 4.20 1.22 -6.43
N ASP A 220 4.81 0.41 -5.58
CA ASP A 220 6.05 -0.25 -5.97
C ASP A 220 6.01 -1.78 -5.87
N MET A 221 4.81 -2.35 -5.68
CA MET A 221 4.71 -3.80 -5.59
C MET A 221 4.21 -4.41 -6.89
N LYS A 222 4.61 -5.65 -7.15
CA LYS A 222 4.15 -6.37 -8.32
C LYS A 222 2.92 -7.21 -8.01
N LEU A 223 1.85 -7.01 -8.78
CA LEU A 223 0.68 -7.90 -8.72
C LEU A 223 0.88 -9.06 -9.68
N GLU A 224 0.87 -10.27 -9.16
CA GLU A 224 1.00 -11.45 -10.03
C GLU A 224 -0.30 -12.22 -10.11
N VAL A 225 -0.80 -12.40 -11.33
CA VAL A 225 -2.07 -13.09 -11.55
C VAL A 225 -1.92 -14.11 -12.67
N GLY A 226 -2.02 -15.40 -12.33
CA GLY A 226 -1.98 -16.47 -13.31
C GLY A 226 -0.76 -16.42 -14.23
N GLY A 227 0.39 -16.09 -13.66
CA GLY A 227 1.61 -16.05 -14.43
C GLY A 227 1.90 -14.73 -15.12
N ILE A 228 0.95 -13.80 -15.05
CA ILE A 228 1.17 -12.46 -15.61
C ILE A 228 1.70 -11.51 -14.55
N HIS A 229 2.77 -10.79 -14.88
CA HIS A 229 3.44 -9.90 -13.92
C HIS A 229 3.06 -8.43 -14.12
N TYR A 230 2.10 -7.95 -13.32
CA TYR A 230 1.71 -6.54 -13.36
C TYR A 230 2.59 -5.77 -12.36
N ASN A 231 3.76 -5.35 -12.84
CA ASN A 231 4.73 -4.68 -11.98
C ASN A 231 4.29 -3.28 -11.59
N ALA A 232 3.41 -2.71 -12.39
CA ALA A 232 2.88 -1.38 -12.15
C ALA A 232 1.39 -1.48 -11.87
N ALA A 233 1.01 -1.52 -10.60
CA ALA A 233 -0.40 -1.65 -10.23
C ALA A 233 -0.63 -1.06 -8.85
N PRO A 234 -0.57 0.27 -8.75
CA PRO A 234 -0.71 0.94 -7.45
C PRO A 234 -2.07 0.67 -6.79
N PHE A 235 -2.04 0.42 -5.49
CA PHE A 235 -3.26 0.14 -4.74
C PHE A 235 -3.31 0.92 -3.41
N ASN A 236 -4.51 1.11 -2.88
CA ASN A 236 -4.67 1.79 -1.61
C ASN A 236 -5.81 1.21 -0.80
N GLY A 237 -5.69 1.32 0.52
CA GLY A 237 -6.81 1.13 1.41
C GLY A 237 -6.85 2.42 2.19
N TRP A 238 -7.24 2.31 3.46
CA TRP A 238 -7.09 3.39 4.42
C TRP A 238 -6.08 2.96 5.46
N TYR A 239 -5.60 3.92 6.24
CA TYR A 239 -4.62 3.65 7.30
C TYR A 239 -5.26 2.98 8.51
N MET A 240 -4.50 2.08 9.13
CA MET A 240 -4.72 1.74 10.54
C MET A 240 -3.90 2.76 11.32
N GLY A 241 -4.48 3.34 12.37
CA GLY A 241 -3.86 4.48 13.05
C GLY A 241 -2.44 4.23 13.53
N THR A 242 -2.17 3.02 13.99
CA THR A 242 -0.82 2.69 14.50
C THR A 242 0.29 2.86 13.45
N GLU A 243 -0.07 2.76 12.18
CA GLU A 243 0.93 2.90 11.13
C GLU A 243 1.53 4.30 11.16
N ILE A 244 0.69 5.26 11.52
CA ILE A 244 1.10 6.65 11.56
C ILE A 244 1.64 6.99 12.95
N GLY A 245 0.88 6.62 13.98
CA GLY A 245 1.22 7.01 15.34
C GLY A 245 2.31 6.19 16.02
N ALA A 246 2.45 4.92 15.64
CA ALA A 246 3.41 4.04 16.33
C ALA A 246 4.66 3.82 15.51
N ARG A 247 4.62 4.23 14.24
CA ARG A 247 5.73 3.94 13.33
C ARG A 247 6.22 5.16 12.53
N ASN A 248 5.40 5.69 11.62
CA ASN A 248 5.86 6.81 10.79
C ASN A 248 6.28 8.03 11.59
N LEU A 249 5.50 8.37 12.62
CA LEU A 249 5.83 9.54 13.43
C LEU A 249 6.71 9.19 14.64
N ALA A 250 6.77 7.90 14.99
CA ALA A 250 7.46 7.49 16.22
C ALA A 250 8.84 6.87 16.07
N ASP A 251 9.06 6.13 14.98
CA ASP A 251 10.30 5.35 14.86
C ASP A 251 11.48 6.30 14.92
N GLU A 252 12.56 5.88 15.54
CA GLU A 252 13.74 6.75 15.59
C GLU A 252 14.32 7.01 14.21
N LYS A 253 14.10 6.07 13.30
CA LYS A 253 14.60 6.23 11.92
C LYS A 253 13.54 6.81 11.00
N ARG A 254 12.43 7.26 11.57
CA ARG A 254 11.46 8.05 10.82
C ARG A 254 11.39 9.46 11.40
N TYR A 255 10.20 9.91 11.78
CA TYR A 255 10.05 11.28 12.29
C TYR A 255 10.45 11.44 13.77
N ASP A 256 10.57 10.32 14.49
CA ASP A 256 11.21 10.31 15.81
C ASP A 256 10.61 11.35 16.79
N LYS A 257 9.29 11.38 16.92
CA LYS A 257 8.65 12.43 17.71
C LYS A 257 8.33 12.14 19.20
N LEU A 258 8.71 10.98 19.72
CA LEU A 258 8.24 10.63 21.07
C LEU A 258 8.70 11.58 22.19
N LYS A 259 9.95 12.02 22.14
CA LYS A 259 10.42 12.97 23.15
C LYS A 259 9.63 14.28 23.12
N LYS A 260 9.33 14.76 21.92
CA LYS A 260 8.54 15.98 21.79
C LYS A 260 7.11 15.74 22.25
N VAL A 261 6.58 14.55 21.98
CA VAL A 261 5.25 14.20 22.45
C VAL A 261 5.23 14.22 23.97
N ALA A 262 6.23 13.58 24.57
CA ALA A 262 6.31 13.53 26.03
C ALA A 262 6.27 14.93 26.61
N SER A 263 7.07 15.83 26.05
CA SER A 263 7.11 17.21 26.53
C SER A 263 5.75 17.93 26.46
N VAL A 264 5.05 17.82 25.34
CA VAL A 264 3.78 18.55 25.20
C VAL A 264 2.64 17.96 26.02
N ILE A 265 2.72 16.66 26.33
CA ILE A 265 1.70 16.07 27.19
C ILE A 265 2.05 16.18 28.67
N GLY A 266 3.18 16.82 28.93
CA GLY A 266 3.55 17.18 30.29
C GLY A 266 4.15 16.10 31.15
N ILE A 267 4.79 15.10 30.54
CA ILE A 267 5.48 14.08 31.32
C ILE A 267 7.00 14.08 31.08
N ALA A 268 7.75 13.62 32.08
CA ALA A 268 9.21 13.50 31.97
C ALA A 268 9.61 12.37 31.02
N ALA A 269 10.71 12.55 30.30
CA ALA A 269 11.21 11.51 29.42
C ALA A 269 12.59 11.11 29.90
N ASP A 270 12.69 10.80 31.18
CA ASP A 270 13.97 10.60 31.86
C ASP A 270 14.22 9.15 32.31
N TYR A 271 13.16 8.43 32.70
CA TYR A 271 13.36 7.09 33.27
C TYR A 271 12.62 6.01 32.52
N ASN A 272 13.30 4.91 32.20
CA ASN A 272 12.64 3.82 31.47
C ASN A 272 11.44 3.30 32.26
N THR A 273 11.60 3.21 33.58
CA THR A 273 10.55 2.69 34.45
C THR A 273 9.28 3.54 34.52
N ASP A 274 9.35 4.79 34.04
CA ASP A 274 8.17 5.65 33.99
C ASP A 274 7.25 5.29 32.81
N LEU A 275 7.76 4.46 31.90
CA LEU A 275 7.05 4.08 30.68
C LEU A 275 6.59 5.31 29.91
N TRP A 276 7.48 6.30 29.82
CA TRP A 276 7.11 7.53 29.18
C TRP A 276 6.94 7.33 27.67
N LYS A 277 7.71 6.41 27.10
CA LYS A 277 7.59 6.15 25.66
C LYS A 277 6.26 5.48 25.37
N ASP A 278 5.86 4.58 26.24
CA ASP A 278 4.58 3.90 26.06
C ASP A 278 3.40 4.87 26.15
N GLN A 279 3.47 5.76 27.14
CA GLN A 279 2.42 6.74 27.36
C GLN A 279 2.38 7.76 26.23
N ALA A 280 3.55 8.21 25.80
CA ALA A 280 3.64 9.09 24.63
C ALA A 280 3.04 8.42 23.39
N LEU A 281 3.39 7.16 23.17
CA LEU A 281 2.83 6.40 22.04
C LEU A 281 1.30 6.32 22.08
N VAL A 282 0.74 6.10 23.25
CA VAL A 282 -0.72 6.04 23.37
C VAL A 282 -1.37 7.38 23.06
N GLU A 283 -0.85 8.46 23.62
CA GLU A 283 -1.43 9.79 23.34
C GLU A 283 -1.25 10.23 21.91
N LEU A 284 -0.08 9.96 21.31
CA LEU A 284 0.13 10.26 19.89
C LEU A 284 -0.83 9.46 19.02
N ASN A 285 -1.04 8.21 19.36
CA ASN A 285 -1.99 7.37 18.62
C ASN A 285 -3.46 7.78 18.80
N LYS A 286 -3.82 8.27 19.99
CA LYS A 286 -5.16 8.80 20.21
C LYS A 286 -5.32 10.05 19.35
N ALA A 287 -4.27 10.87 19.32
CA ALA A 287 -4.32 12.10 18.52
C ALA A 287 -4.52 11.83 17.03
N VAL A 288 -3.81 10.84 16.51
CA VAL A 288 -3.93 10.49 15.09
C VAL A 288 -5.36 10.07 14.72
N LEU A 289 -5.93 9.18 15.52
CA LEU A 289 -7.30 8.72 15.27
C LEU A 289 -8.30 9.86 15.37
N HIS A 290 -8.15 10.68 16.40
CA HIS A 290 -9.01 11.84 16.61
C HIS A 290 -8.97 12.81 15.42
N SER A 291 -7.76 13.06 14.93
CA SER A 291 -7.56 14.03 13.87
C SER A 291 -8.14 13.56 12.55
N TYR A 292 -7.94 12.29 12.22
CA TYR A 292 -8.51 11.76 10.98
C TYR A 292 -10.03 11.77 11.03
N LYS A 293 -10.59 11.37 12.17
CA LYS A 293 -12.04 11.42 12.39
C LYS A 293 -12.57 12.85 12.26
N LYS A 294 -11.94 13.78 12.95
CA LYS A 294 -12.35 15.18 12.92
C LYS A 294 -12.36 15.76 11.51
N GLN A 295 -11.39 15.34 10.69
CA GLN A 295 -11.21 15.84 9.34
C GLN A 295 -12.13 15.16 8.31
N GLY A 296 -12.83 14.11 8.71
CA GLY A 296 -13.65 13.37 7.77
C GLY A 296 -12.88 12.46 6.84
N VAL A 297 -11.72 12.00 7.29
CA VAL A 297 -10.90 11.07 6.53
C VAL A 297 -10.89 9.69 7.15
N SER A 298 -11.13 8.66 6.33
CA SER A 298 -11.23 7.28 6.83
C SER A 298 -9.95 6.81 7.51
N ILE A 299 -10.13 6.06 8.61
CA ILE A 299 -9.01 5.45 9.32
C ILE A 299 -9.63 4.38 10.23
N VAL A 300 -8.84 3.40 10.64
CA VAL A 300 -9.35 2.38 11.57
C VAL A 300 -8.36 2.24 12.72
N ASP A 301 -8.85 2.03 13.93
CA ASP A 301 -7.97 1.75 15.06
C ASP A 301 -7.61 0.26 15.07
N HIS A 302 -6.56 -0.11 15.80
CA HIS A 302 -6.06 -1.48 15.72
C HIS A 302 -7.02 -2.50 16.36
N HIS A 303 -7.83 -2.04 17.30
CA HIS A 303 -8.79 -2.95 17.96
C HIS A 303 -9.91 -3.33 17.01
N THR A 304 -10.45 -2.34 16.32
CA THR A 304 -11.52 -2.57 15.36
C THR A 304 -10.97 -3.38 14.19
N ALA A 305 -9.78 -3.02 13.74
CA ALA A 305 -9.13 -3.75 12.63
C ALA A 305 -8.93 -5.23 12.93
N ALA A 306 -8.46 -5.56 14.15
CA ALA A 306 -8.30 -6.97 14.52
C ALA A 306 -9.67 -7.63 14.63
N SER A 307 -10.68 -6.86 15.03
CA SER A 307 -12.02 -7.42 15.16
C SER A 307 -12.53 -7.78 13.77
N GLN A 308 -12.25 -6.90 12.82
CA GLN A 308 -12.59 -7.17 11.43
C GLN A 308 -11.79 -8.37 10.88
N PHE A 309 -10.52 -8.46 11.27
CA PHE A 309 -9.70 -9.56 10.79
C PHE A 309 -10.19 -10.90 11.32
N LYS A 310 -10.67 -10.91 12.56
CA LYS A 310 -11.28 -12.12 13.11
C LYS A 310 -12.45 -12.55 12.24
N ARG A 311 -13.27 -11.59 11.81
CA ARG A 311 -14.38 -11.93 10.93
C ARG A 311 -13.87 -12.52 9.60
N PHE A 312 -12.75 -11.98 9.10
CA PHE A 312 -12.14 -12.52 7.88
C PHE A 312 -11.72 -13.97 8.09
N GLU A 313 -11.16 -14.28 9.25
CA GLU A 313 -10.80 -15.67 9.57
C GLU A 313 -12.03 -16.57 9.56
N GLU A 314 -13.11 -16.10 10.19
CA GLU A 314 -14.36 -16.87 10.25
C GLU A 314 -14.96 -17.04 8.85
N GLN A 315 -14.89 -15.99 8.04
CA GLN A 315 -15.36 -16.06 6.66
C GLN A 315 -14.61 -17.13 5.84
N ALA A 316 -13.28 -17.15 5.96
CA ALA A 316 -12.46 -18.13 5.27
C ALA A 316 -12.84 -19.56 5.68
N GLU A 317 -12.95 -19.79 6.98
CA GLU A 317 -13.34 -21.10 7.48
C GLU A 317 -14.71 -21.52 6.92
N GLU A 318 -15.66 -20.61 6.91
CA GLU A 318 -17.01 -20.97 6.46
C GLU A 318 -17.08 -21.16 4.94
N ALA A 319 -16.15 -20.53 4.22
CA ALA A 319 -16.07 -20.68 2.76
C ALA A 319 -15.22 -21.89 2.37
N GLY A 320 -14.59 -22.51 3.36
CA GLY A 320 -13.75 -23.67 3.13
C GLY A 320 -12.39 -23.35 2.53
N ARG A 321 -11.92 -22.11 2.70
CA ARG A 321 -10.61 -21.71 2.21
C ARG A 321 -9.56 -21.75 3.32
N LYS A 322 -8.37 -22.23 2.99
CA LYS A 322 -7.26 -22.19 3.92
C LYS A 322 -6.91 -20.73 4.20
N LEU A 323 -6.68 -20.40 5.46
CA LEU A 323 -6.28 -19.03 5.81
C LEU A 323 -4.77 -18.98 5.94
N THR A 324 -4.14 -17.99 5.30
CA THR A 324 -2.71 -17.79 5.51
C THR A 324 -2.46 -16.41 6.12
N GLY A 325 -1.40 -16.31 6.92
CA GLY A 325 -1.07 -15.03 7.53
C GLY A 325 0.35 -14.95 8.07
N ASP A 326 0.85 -13.74 8.23
CA ASP A 326 2.15 -13.48 8.85
C ASP A 326 1.95 -12.84 10.23
N TRP A 327 2.03 -13.67 11.28
CA TRP A 327 1.79 -13.23 12.64
C TRP A 327 2.61 -12.00 12.99
N THR A 328 3.87 -11.99 12.56
CA THR A 328 4.79 -10.90 12.91
C THR A 328 4.37 -9.54 12.33
N TRP A 329 3.61 -9.56 11.23
CA TRP A 329 3.07 -8.33 10.67
C TRP A 329 1.62 -8.05 11.07
N LEU A 330 0.84 -9.10 11.31
CA LEU A 330 -0.57 -8.90 11.67
C LEU A 330 -0.73 -8.27 13.05
N ILE A 331 0.13 -8.62 14.01
CA ILE A 331 0.04 -7.98 15.32
C ILE A 331 0.31 -6.49 15.23
N PRO A 332 -0.54 -5.69 15.89
CA PRO A 332 -0.30 -4.25 15.87
C PRO A 332 0.88 -3.90 16.77
N PRO A 333 1.58 -2.78 16.48
CA PRO A 333 2.76 -2.40 17.25
C PRO A 333 2.43 -1.74 18.59
N ILE A 334 1.16 -1.53 18.91
CA ILE A 334 0.84 -1.23 20.30
C ILE A 334 -0.28 -2.10 20.85
N SER A 335 -0.19 -2.41 22.13
CA SER A 335 -1.07 -3.39 22.79
C SER A 335 -1.39 -4.65 21.96
N PRO A 336 -0.38 -5.29 21.35
CA PRO A 336 -0.72 -6.46 20.52
C PRO A 336 -1.42 -7.60 21.27
N ALA A 337 -1.08 -7.81 22.54
CA ALA A 337 -1.73 -8.85 23.34
C ALA A 337 -3.18 -8.51 23.71
N ALA A 338 -3.62 -7.30 23.38
CA ALA A 338 -5.04 -6.97 23.56
C ALA A 338 -5.88 -7.38 22.35
N THR A 339 -5.23 -7.93 21.32
CA THR A 339 -5.94 -8.43 20.13
C THR A 339 -5.88 -9.95 20.10
N HIS A 340 -6.85 -10.60 19.47
CA HIS A 340 -6.88 -12.08 19.41
C HIS A 340 -5.72 -12.63 18.57
N ILE A 341 -5.26 -11.81 17.62
CA ILE A 341 -4.19 -12.18 16.70
C ILE A 341 -2.96 -12.69 17.46
N PHE A 342 -2.60 -11.96 18.50
CA PHE A 342 -1.42 -12.27 19.32
C PHE A 342 -1.50 -13.67 19.88
N HIS A 343 -2.71 -14.14 20.15
CA HIS A 343 -2.89 -15.40 20.87
C HIS A 343 -3.19 -16.62 20.01
N ARG A 344 -3.10 -16.48 18.69
CA ARG A 344 -3.14 -17.65 17.83
C ARG A 344 -1.97 -17.64 16.86
N SER A 345 -1.88 -18.67 16.03
CA SER A 345 -0.80 -18.76 15.07
C SER A 345 -1.37 -18.78 13.66
N TYR A 346 -0.53 -18.49 12.67
CA TYR A 346 -0.99 -18.43 11.29
C TYR A 346 0.02 -19.12 10.37
N ASP A 347 -0.49 -19.84 9.38
CA ASP A 347 0.32 -20.47 8.34
C ASP A 347 0.80 -19.39 7.38
N ASN A 348 2.12 -19.17 7.31
CA ASN A 348 2.68 -18.12 6.44
C ASN A 348 2.98 -18.57 4.99
N SER A 349 2.29 -19.59 4.51
CA SER A 349 2.50 -20.07 3.14
C SER A 349 2.12 -19.01 2.09
N ILE A 350 2.87 -18.97 0.99
CA ILE A 350 2.60 -18.03 -0.10
C ILE A 350 1.59 -18.63 -1.08
N VAL A 351 0.46 -17.96 -1.27
CA VAL A 351 -0.54 -18.40 -2.24
C VAL A 351 -0.70 -17.31 -3.31
N LYS A 352 -0.80 -17.72 -4.58
CA LYS A 352 -1.03 -16.76 -5.66
C LYS A 352 -2.46 -16.84 -6.17
N PRO A 353 -3.00 -15.74 -6.74
CA PRO A 353 -2.44 -14.39 -6.95
C PRO A 353 -1.98 -13.70 -5.66
N ASN A 354 -1.03 -12.79 -5.78
CA ASN A 354 -0.51 -12.06 -4.63
C ASN A 354 0.26 -10.82 -5.05
N TYR A 355 0.60 -9.98 -4.07
CA TYR A 355 1.45 -8.83 -4.31
C TYR A 355 2.86 -9.14 -3.78
N PHE A 356 3.88 -8.77 -4.55
CA PHE A 356 5.26 -9.12 -4.24
C PHE A 356 6.18 -7.92 -4.31
N TYR A 357 7.23 -7.94 -3.50
CA TYR A 357 8.29 -6.96 -3.64
C TYR A 357 8.99 -7.15 -4.98
N GLN A 358 9.53 -6.06 -5.52
CA GLN A 358 10.40 -6.14 -6.70
C GLN A 358 11.55 -5.17 -6.49
N ASP A 359 12.65 -5.38 -7.20
CA ASP A 359 13.82 -4.52 -7.06
C ASP A 359 13.52 -3.08 -7.44
N LYS A 360 14.02 -2.14 -6.65
CA LYS A 360 13.94 -0.72 -6.96
C LYS A 360 14.73 -0.41 -8.22
N PRO A 361 14.24 0.54 -9.02
CA PRO A 361 14.91 0.94 -10.26
C PRO A 361 16.00 1.98 -10.02
N TYR A 362 16.15 2.42 -8.77
CA TYR A 362 17.17 3.40 -8.40
C TYR A 362 17.96 2.86 -7.20
N GLU A 363 18.87 3.69 -6.69
CA GLU A 363 19.88 3.36 -5.66
C GLU A 363 21.15 2.75 -6.26
CHA HEM B . -0.18 -4.63 4.72
CHB HEM B . -4.09 -2.56 6.75
CHC HEM B . -6.19 -2.52 2.36
CHD HEM B . -2.57 -5.21 0.55
C1A HEM B . -1.04 -3.95 5.54
C2A HEM B . -0.61 -3.41 6.78
C3A HEM B . -1.70 -2.84 7.35
C4A HEM B . -2.80 -3.01 6.46
CMA HEM B . -1.75 -2.12 8.68
CAA HEM B . 0.80 -3.44 7.37
CBA HEM B . 1.61 -2.28 6.76
CGA HEM B . 2.89 -1.93 7.47
O1A HEM B . 3.11 -2.27 8.66
O2A HEM B . 3.76 -1.26 6.86
C1B HEM B . -4.97 -2.34 5.69
C2B HEM B . -6.15 -1.55 5.84
C3B HEM B . -6.77 -1.53 4.63
C4B HEM B . -5.91 -2.34 3.72
CMB HEM B . -6.65 -0.87 7.10
CAB HEM B . -8.03 -0.81 4.35
CBB HEM B . -8.98 -1.26 3.51
C1C HEM B . -5.37 -3.17 1.44
C2C HEM B . -5.55 -3.23 0.06
C3C HEM B . -4.52 -4.02 -0.48
C4C HEM B . -3.69 -4.42 0.63
CMC HEM B . -6.69 -2.56 -0.68
CAC HEM B . -4.28 -4.38 -1.91
CBC HEM B . -5.23 -4.47 -2.86
C1D HEM B . -1.63 -5.22 1.59
C2D HEM B . -0.27 -5.77 1.38
C3D HEM B . 0.40 -5.60 2.53
C4D HEM B . -0.56 -4.96 3.44
CMD HEM B . 0.33 -6.39 0.14
CAD HEM B . 1.84 -6.02 2.79
CBD HEM B . 2.86 -4.94 2.43
CGD HEM B . 4.28 -5.44 2.60
O1D HEM B . 5.22 -4.62 2.65
O2D HEM B . 4.54 -6.67 2.68
NA HEM B . -2.39 -3.71 5.36
NB HEM B . -4.84 -2.76 4.43
NC HEM B . -4.26 -3.90 1.76
ND HEM B . -1.75 -4.73 2.85
FE HEM B . -3.34 -4.02 3.63
N1 H4B C . 4.73 -5.37 11.17
C2 H4B C . 4.23 -4.36 10.41
N2 H4B C . 2.88 -4.26 10.27
N3 H4B C . 5.04 -3.48 9.78
C4 H4B C . 6.38 -3.53 9.87
O4 H4B C . 7.09 -2.68 9.27
C4A H4B C . 6.99 -4.59 10.70
C8A H4B C . 6.06 -5.53 11.36
N5 H4B C . 8.33 -4.76 10.88
N8 H4B C . 6.53 -6.53 12.12
C6 H4B C . 8.74 -6.12 11.17
C7 H4B C . 7.95 -6.62 12.38
C9 H4B C . 10.25 -6.25 11.37
O9 H4B C . 10.64 -5.31 12.37
C10 H4B C . 10.68 -7.66 11.80
C11 H4B C . 12.20 -7.79 11.77
O10 H4B C . 10.10 -8.67 10.95
CL CL D . 2.89 4.34 5.49
N26 I5U E . -2.89 0.77 5.13
C26 I5U E . -1.90 0.62 4.35
C25 I5U E . -2.09 0.49 2.88
S21 I5U E . -3.43 -0.46 2.44
C22 I5U E . -3.12 -0.33 0.75
C23 I5U E . -1.98 0.46 0.59
C24 I5U E . -1.39 0.93 1.76
N27 I5U E . -0.65 0.57 4.80
C31 I5U E . 0.39 -0.07 4.17
C32 I5U E . 0.24 -1.28 3.49
C33 I5U E . 1.34 -1.88 2.88
C34 I5U E . 2.62 -1.31 2.99
C36 I5U E . 1.67 0.49 4.27
C35 I5U E . 2.78 -0.12 3.69
C37 I5U E . 4.14 0.56 3.83
O38 I5U E . 5.23 -0.27 3.42
C20 I5U E . 5.82 -1.11 4.43
C21 I5U E . 6.65 -0.35 5.47
N22 I5U E . 6.40 -0.84 6.84
C19 I5U E . 6.75 -2.11 3.75
O18 I5U E . 8.02 -1.54 3.41
C17 I5U E . 8.53 -2.12 2.21
C15 I5U E . 10.04 -2.20 2.19
C14 I5U E . 10.82 -1.19 2.77
C13 I5U E . 12.21 -1.29 2.74
C12 I5U E . 12.83 -2.38 2.12
C16 I5U E . 10.67 -3.27 1.56
C11 I5U E . 12.06 -3.37 1.52
N07 I5U E . 12.67 -4.42 0.93
C06 I5U E . 12.99 -5.47 1.70
N06 I5U E . 12.45 -5.57 2.84
C05 I5U E . 13.97 -6.52 1.27
S01 I5U E . 13.32 -7.94 0.53
C02 I5U E . 14.86 -8.71 0.29
C03 I5U E . 15.83 -7.85 0.81
C04 I5U E . 15.35 -6.64 1.35
C1 GOL F . 18.18 22.02 -10.04
O1 GOL F . 18.07 23.36 -9.57
C2 GOL F . 19.17 21.24 -9.18
O2 GOL F . 20.26 20.87 -10.05
C3 GOL F . 18.48 19.99 -8.70
O3 GOL F . 17.62 20.24 -7.57
#